data_2FGI
#
_entry.id   2FGI
#
_cell.length_a   208.790
_cell.length_b   57.380
_cell.length_c   66.180
_cell.angle_alpha   90.00
_cell.angle_beta   107.55
_cell.angle_gamma   90.00
#
_symmetry.space_group_name_H-M   'C 1 2 1'
#
loop_
_entity.id
_entity.type
_entity.pdbx_description
1 polymer 'PROTEIN (FIBROBLAST GROWTH FACTOR (FGF) RECEPTOR 1)'
2 non-polymer 1-TERT-BUTYL-3-[6-(3,5-DIMETHOXY-PHENYL)-2-(4-DIETHYLAMINO-BUTYLAMINO)-PYRIDO[2,3-D]PYRIMIDIN-7-YL]-UREA
3 water water
#
_entity_poly.entity_id   1
_entity_poly.type   'polypeptide(L)'
_entity_poly.pdbx_seq_one_letter_code
;MVAGVSEYELPEDPRWELPRDRLVLGKPLGEGAFGQVVLAEAIGLDKDKPNRVTKVAVKMLKSDATEKDLSDLISEMEMM
KMIGKHKNIINLLGACTQDGPLYVIVEYASKGNLREYLQARRPPGLEYSYNPSHNPEEQLSSKDLVSCAYQVARGMEYLA
SKKCIHRDLAARNVLVTEDNVMKIADFGLARDIHHIDYYKKTTNGRLPVKWMAPEALFDRIYTHQSDVWSFGVLLWEIFT
LGGSPYPGVPVEELFKLLKEGHRMDKPSNCTNELYMMMRDCWHAVPSQRPTFKQLVEDLDRIVALTSNQE
;
_entity_poly.pdbx_strand_id   A,B
#
loop_
_chem_comp.id
_chem_comp.type
_chem_comp.name
_chem_comp.formula
PD1 non-polymer 1-TERT-BUTYL-3-[6-(3,5-DIMETHOXY-PHENYL)-2-(4-DIETHYLAMINO-BUTYLAMINO)-PYRIDO[2,3-D]PYRIMIDIN-7-YL]-UREA 'C28 H41 N7 O3'
#
# COMPACT_ATOMS: atom_id res chain seq x y z
N GLU A 9 -2.63 44.21 27.84
CA GLU A 9 -3.40 43.03 28.21
C GLU A 9 -2.51 41.81 28.45
N LEU A 10 -1.30 41.80 27.86
CA LEU A 10 -0.38 40.69 28.06
C LEU A 10 0.62 41.02 29.16
N PRO A 11 0.76 40.13 30.14
CA PRO A 11 1.66 40.27 31.28
C PRO A 11 3.13 40.10 30.89
N GLU A 12 3.92 41.14 31.09
CA GLU A 12 5.34 41.11 30.76
C GLU A 12 6.04 39.96 31.49
N ASP A 13 7.12 39.42 30.92
CA ASP A 13 7.87 38.30 31.53
C ASP A 13 9.36 38.52 31.28
N PRO A 14 10.05 39.11 32.27
CA PRO A 14 11.49 39.39 32.20
C PRO A 14 12.34 38.23 31.67
N ARG A 15 11.88 37.02 31.93
CA ARG A 15 12.59 35.82 31.52
C ARG A 15 12.80 35.60 30.01
N TRP A 16 11.81 35.98 29.20
CA TRP A 16 11.88 35.74 27.78
C TRP A 16 11.76 36.92 26.82
N GLU A 17 11.32 38.06 27.32
CA GLU A 17 11.13 39.23 26.47
C GLU A 17 12.37 39.70 25.74
N LEU A 18 12.19 40.10 24.48
CA LEU A 18 13.28 40.63 23.66
C LEU A 18 12.69 41.91 23.11
N PRO A 19 13.43 43.01 23.17
CA PRO A 19 12.92 44.27 22.65
C PRO A 19 12.52 44.09 21.20
N ARG A 20 11.38 44.65 20.80
CA ARG A 20 10.91 44.51 19.44
C ARG A 20 11.93 44.97 18.42
N ASP A 21 12.75 45.95 18.80
CA ASP A 21 13.74 46.50 17.90
C ASP A 21 14.92 45.56 17.60
N ARG A 22 15.00 44.47 18.37
CA ARG A 22 16.05 43.46 18.22
C ARG A 22 15.63 42.36 17.24
N LEU A 23 14.39 42.44 16.78
CA LEU A 23 13.84 41.43 15.88
C LEU A 23 13.69 41.96 14.46
N VAL A 24 14.64 41.56 13.62
CA VAL A 24 14.66 41.93 12.22
C VAL A 24 13.78 40.95 11.44
N LEU A 25 12.49 41.25 11.35
CA LEU A 25 11.55 40.37 10.65
C LEU A 25 11.85 40.20 9.17
N GLY A 26 11.73 38.96 8.67
CA GLY A 26 12.01 38.67 7.28
C GLY A 26 10.96 37.91 6.48
N LYS A 27 11.44 37.04 5.58
CA LYS A 27 10.58 36.26 4.70
C LYS A 27 9.61 35.31 5.39
N PRO A 28 8.36 35.28 4.92
CA PRO A 28 7.32 34.42 5.48
C PRO A 28 7.65 32.94 5.21
N LEU A 29 7.46 32.09 6.22
CA LEU A 29 7.74 30.66 6.10
C LEU A 29 6.53 29.85 5.68
N GLY A 30 5.33 30.32 6.03
CA GLY A 30 4.12 29.61 5.67
C GLY A 30 2.96 29.90 6.59
N GLN A 36 0.71 32.34 11.24
CA GLN A 36 1.79 32.84 10.38
C GLN A 36 3.13 32.80 11.08
N VAL A 37 4.13 32.25 10.41
CA VAL A 37 5.48 32.16 10.94
C VAL A 37 6.37 32.78 9.87
N VAL A 38 7.26 33.66 10.28
CA VAL A 38 8.16 34.32 9.34
C VAL A 38 9.58 34.07 9.81
N LEU A 39 10.53 34.07 8.87
CA LEU A 39 11.91 33.89 9.25
C LEU A 39 12.26 35.29 9.80
N ALA A 40 13.30 35.39 10.61
CA ALA A 40 13.69 36.67 11.19
C ALA A 40 15.07 36.59 11.78
N GLU A 41 15.69 37.74 11.99
CA GLU A 41 17.02 37.80 12.58
C GLU A 41 16.92 38.52 13.92
N ALA A 42 17.48 37.90 14.95
CA ALA A 42 17.47 38.48 16.28
C ALA A 42 18.87 38.93 16.66
N ILE A 43 19.03 40.22 16.91
CA ILE A 43 20.30 40.80 17.29
C ILE A 43 20.47 40.63 18.78
N GLY A 44 21.59 40.07 19.22
CA GLY A 44 21.81 39.91 20.64
C GLY A 44 21.43 38.55 21.19
N LEU A 45 20.17 38.43 21.62
CA LEU A 45 19.62 37.21 22.22
C LEU A 45 20.41 36.74 23.44
N PRO A 50 25.08 40.14 21.78
CA PRO A 50 24.61 41.53 21.57
C PRO A 50 24.87 42.02 20.14
N ASN A 51 26.06 41.78 19.62
CA ASN A 51 26.41 42.19 18.28
C ASN A 51 26.37 41.05 17.26
N ARG A 52 25.64 40.00 17.62
CA ARG A 52 25.50 38.83 16.76
C ARG A 52 24.03 38.61 16.40
N VAL A 53 23.76 38.22 15.16
CA VAL A 53 22.39 37.95 14.75
C VAL A 53 22.21 36.45 14.66
N THR A 54 20.99 36.00 14.99
CA THR A 54 20.67 34.59 14.96
C THR A 54 19.38 34.45 14.17
N LYS A 55 19.37 33.50 13.23
CA LYS A 55 18.18 33.23 12.43
C LYS A 55 17.23 32.48 13.35
N VAL A 56 16.00 32.97 13.38
CA VAL A 56 14.96 32.41 14.22
C VAL A 56 13.64 32.43 13.45
N ALA A 57 12.63 31.75 13.97
CA ALA A 57 11.31 31.72 13.35
C ALA A 57 10.40 32.44 14.31
N VAL A 58 9.49 33.25 13.79
CA VAL A 58 8.59 34.02 14.65
C VAL A 58 7.12 33.77 14.36
N LYS A 59 6.41 33.29 15.36
CA LYS A 59 4.99 33.01 15.22
C LYS A 59 4.18 34.19 15.73
N MET A 60 3.23 34.63 14.92
CA MET A 60 2.39 35.77 15.23
C MET A 60 1.01 35.51 14.62
N LEU A 61 0.02 36.22 15.13
CA LEU A 61 -1.37 36.10 14.66
C LEU A 61 -1.64 36.77 13.32
N LYS A 62 -2.76 36.39 12.72
CA LYS A 62 -3.16 36.95 11.44
C LYS A 62 -3.98 38.21 11.70
N SER A 63 -4.42 38.85 10.62
CA SER A 63 -5.21 40.07 10.72
C SER A 63 -6.60 39.72 11.24
N ASP A 64 -7.19 38.67 10.67
CA ASP A 64 -8.51 38.22 11.08
C ASP A 64 -8.45 37.17 12.20
N ALA A 65 -7.44 37.30 13.07
CA ALA A 65 -7.27 36.38 14.18
C ALA A 65 -8.18 36.80 15.33
N THR A 66 -8.95 35.87 15.84
CA THR A 66 -9.87 36.15 16.94
C THR A 66 -9.15 36.14 18.28
N GLU A 67 -9.86 36.54 19.34
CA GLU A 67 -9.28 36.57 20.66
C GLU A 67 -8.99 35.15 21.16
N LYS A 68 -9.62 34.17 20.53
CA LYS A 68 -9.41 32.77 20.86
C LYS A 68 -8.01 32.41 20.37
N ASP A 69 -7.71 32.82 19.13
CA ASP A 69 -6.42 32.57 18.52
C ASP A 69 -5.28 33.17 19.35
N LEU A 70 -5.57 34.24 20.09
CA LEU A 70 -4.58 34.89 20.94
C LEU A 70 -4.40 34.11 22.24
N SER A 71 -5.44 33.35 22.61
CA SER A 71 -5.41 32.53 23.80
C SER A 71 -4.51 31.33 23.54
N ASP A 72 -4.79 30.65 22.46
CA ASP A 72 -4.02 29.49 22.07
C ASP A 72 -2.54 29.84 21.90
N LEU A 73 -2.28 30.92 21.18
CA LEU A 73 -0.91 31.37 20.95
C LEU A 73 -0.13 31.58 22.26
N ILE A 74 -0.76 32.24 23.23
CA ILE A 74 -0.12 32.49 24.52
C ILE A 74 0.11 31.16 25.22
N SER A 75 -0.92 30.31 25.15
CA SER A 75 -0.89 28.98 25.76
C SER A 75 0.29 28.17 25.24
N GLU A 76 0.46 28.17 23.92
CA GLU A 76 1.53 27.47 23.24
C GLU A 76 2.89 27.95 23.73
N MET A 77 2.97 29.24 24.06
CA MET A 77 4.20 29.85 24.57
C MET A 77 4.47 29.38 26.00
N GLU A 78 3.47 29.54 26.86
CA GLU A 78 3.53 29.14 28.26
C GLU A 78 3.84 27.66 28.42
N MET A 79 3.29 26.86 27.51
CA MET A 79 3.52 25.42 27.51
C MET A 79 4.98 25.20 27.18
N MET A 80 5.48 25.97 26.21
CA MET A 80 6.87 25.86 25.80
C MET A 80 7.80 26.33 26.91
N LYS A 81 7.35 27.33 27.67
CA LYS A 81 8.14 27.87 28.78
C LYS A 81 8.37 26.80 29.85
N MET A 82 7.29 26.11 30.23
CA MET A 82 7.31 25.06 31.25
C MET A 82 8.04 23.79 30.84
N ILE A 83 7.78 23.30 29.61
CA ILE A 83 8.39 22.05 29.11
C ILE A 83 9.91 21.97 29.16
N GLY A 84 10.58 23.10 29.08
CA GLY A 84 12.04 23.09 29.14
C GLY A 84 12.73 22.78 27.83
N LYS A 85 14.04 22.95 27.80
CA LYS A 85 14.79 22.73 26.59
C LYS A 85 15.28 21.33 26.36
N HIS A 86 15.40 21.00 25.08
CA HIS A 86 15.92 19.73 24.67
C HIS A 86 16.37 19.82 23.22
N LYS A 87 17.49 19.18 22.93
CA LYS A 87 18.07 19.20 21.61
C LYS A 87 17.14 18.85 20.48
N ASN A 88 16.29 17.84 20.70
CA ASN A 88 15.38 17.39 19.65
C ASN A 88 13.93 17.89 19.63
N ILE A 89 13.73 19.14 20.05
CA ILE A 89 12.40 19.79 20.00
C ILE A 89 12.59 21.26 19.60
N ILE A 90 11.60 21.88 18.97
CA ILE A 90 11.73 23.28 18.58
C ILE A 90 11.64 24.04 19.91
N ASN A 91 12.79 24.53 20.39
CA ASN A 91 12.85 25.29 21.65
C ASN A 91 12.39 26.75 21.51
N LEU A 92 11.96 27.34 22.62
CA LEU A 92 11.52 28.74 22.68
C LEU A 92 12.79 29.55 22.90
N LEU A 93 12.93 30.63 22.14
CA LEU A 93 14.09 31.49 22.25
C LEU A 93 13.77 32.80 22.96
N GLY A 94 12.51 33.24 22.89
CA GLY A 94 12.11 34.48 23.51
C GLY A 94 10.73 34.93 23.09
N ALA A 95 10.35 36.18 23.38
CA ALA A 95 9.05 36.69 22.99
C ALA A 95 8.94 38.20 23.05
N CYS A 96 8.13 38.76 22.14
CA CYS A 96 7.85 40.19 22.08
C CYS A 96 6.35 40.31 22.42
N THR A 97 6.07 40.54 23.71
CA THR A 97 4.69 40.63 24.19
C THR A 97 4.22 42.03 24.44
N GLN A 98 5.15 42.89 24.83
CA GLN A 98 4.81 44.28 25.16
C GLN A 98 4.66 45.24 23.98
N ASP A 99 3.68 46.13 24.09
CA ASP A 99 3.39 47.17 23.10
C ASP A 99 3.47 46.72 21.65
N GLY A 100 2.46 45.97 21.21
CA GLY A 100 2.43 45.50 19.85
C GLY A 100 1.98 44.06 19.76
N PRO A 101 2.09 43.45 18.58
CA PRO A 101 1.70 42.06 18.31
C PRO A 101 2.58 41.08 19.09
N LEU A 102 2.00 39.94 19.47
CA LEU A 102 2.75 38.93 20.20
C LEU A 102 3.65 38.20 19.21
N TYR A 103 4.95 38.18 19.51
CA TYR A 103 5.89 37.49 18.65
C TYR A 103 6.50 36.38 19.48
N VAL A 104 6.26 35.14 19.07
CA VAL A 104 6.79 33.99 19.77
C VAL A 104 7.98 33.48 18.96
N ILE A 105 9.17 33.85 19.42
CA ILE A 105 10.44 33.50 18.78
C ILE A 105 10.88 32.10 19.16
N VAL A 106 10.95 31.20 18.18
CA VAL A 106 11.34 29.81 18.40
C VAL A 106 12.50 29.45 17.48
N GLU A 107 13.12 28.28 17.71
CA GLU A 107 14.25 27.86 16.89
C GLU A 107 13.93 27.78 15.39
N TYR A 108 14.94 28.01 14.58
CA TYR A 108 14.79 27.97 13.13
C TYR A 108 15.30 26.66 12.54
N ALA A 109 14.49 26.10 11.66
CA ALA A 109 14.76 24.84 10.97
C ALA A 109 14.83 25.17 9.48
N SER A 110 16.04 25.41 9.00
CA SER A 110 16.23 25.79 7.62
C SER A 110 15.82 24.75 6.61
N LYS A 111 16.10 23.48 6.89
CA LYS A 111 15.78 22.41 5.96
C LYS A 111 14.34 21.93 5.89
N GLY A 112 13.42 22.65 6.52
CA GLY A 112 12.01 22.26 6.49
C GLY A 112 11.67 21.00 7.26
N ASN A 113 10.43 20.54 7.11
CA ASN A 113 9.97 19.34 7.80
C ASN A 113 10.55 18.04 7.24
N LEU A 114 10.55 17.00 8.07
CA LEU A 114 11.09 15.68 7.75
C LEU A 114 10.53 14.99 6.54
N ARG A 115 9.28 15.28 6.16
CA ARG A 115 8.72 14.65 4.97
C ARG A 115 9.44 15.23 3.74
N GLU A 116 9.46 16.56 3.67
CA GLU A 116 10.12 17.29 2.58
C GLU A 116 11.58 16.89 2.55
N TYR A 117 12.23 16.99 3.71
CA TYR A 117 13.63 16.61 3.84
C TYR A 117 13.87 15.25 3.19
N LEU A 118 13.01 14.28 3.51
CA LEU A 118 13.12 12.91 3.00
C LEU A 118 12.88 12.79 1.50
N GLN A 119 11.78 13.38 1.04
CA GLN A 119 11.41 13.34 -0.37
C GLN A 119 12.49 13.96 -1.27
N ALA A 120 12.92 15.16 -0.91
CA ALA A 120 13.94 15.90 -1.63
C ALA A 120 15.31 15.26 -1.59
N ARG A 121 15.38 14.02 -1.12
CA ARG A 121 16.64 13.28 -1.03
C ARG A 121 16.46 11.87 -1.57
N ARG A 122 15.32 11.66 -2.25
CA ARG A 122 15.02 10.38 -2.85
C ARG A 122 15.87 10.28 -4.13
N PRO A 123 16.37 9.07 -4.44
CA PRO A 123 17.18 8.87 -5.65
C PRO A 123 16.31 9.16 -6.88
N PRO A 124 16.94 9.33 -8.04
CA PRO A 124 16.22 9.61 -9.29
C PRO A 124 15.41 8.41 -9.81
N GLN A 139 21.40 11.85 -1.40
CA GLN A 139 20.82 10.63 -0.87
C GLN A 139 21.23 10.46 0.60
N LEU A 140 20.44 9.67 1.33
CA LEU A 140 20.66 9.39 2.74
C LEU A 140 21.01 7.93 2.88
N SER A 141 21.90 7.62 3.80
CA SER A 141 22.31 6.24 4.04
C SER A 141 21.30 5.55 4.92
N SER A 142 21.58 4.28 5.22
CA SER A 142 20.72 3.50 6.10
C SER A 142 20.92 3.98 7.52
N LYS A 143 22.16 4.31 7.87
CA LYS A 143 22.45 4.79 9.19
C LYS A 143 21.85 6.19 9.38
N ASP A 144 21.77 6.98 8.31
CA ASP A 144 21.20 8.32 8.41
C ASP A 144 19.73 8.25 8.74
N LEU A 145 19.03 7.34 8.08
CA LEU A 145 17.61 7.15 8.29
C LEU A 145 17.30 6.60 9.70
N VAL A 146 18.07 5.60 10.12
CA VAL A 146 17.89 4.98 11.42
C VAL A 146 18.25 5.97 12.51
N SER A 147 19.22 6.84 12.22
CA SER A 147 19.68 7.87 13.15
C SER A 147 18.64 9.00 13.27
N CYS A 148 17.85 9.16 12.22
CA CYS A 148 16.79 10.15 12.14
C CYS A 148 15.65 9.71 13.04
N ALA A 149 15.33 8.41 13.05
CA ALA A 149 14.28 7.86 13.89
C ALA A 149 14.70 7.96 15.37
N TYR A 150 15.99 7.72 15.63
CA TYR A 150 16.54 7.80 16.99
C TYR A 150 16.29 9.17 17.61
N GLN A 151 16.63 10.22 16.88
CA GLN A 151 16.45 11.61 17.31
C GLN A 151 15.00 12.02 17.53
N VAL A 152 14.12 11.51 16.68
CA VAL A 152 12.70 11.78 16.84
C VAL A 152 12.29 11.17 18.16
N ALA A 153 12.62 9.89 18.34
CA ALA A 153 12.33 9.15 19.57
C ALA A 153 12.82 9.86 20.83
N ARG A 154 13.99 10.51 20.75
CA ARG A 154 14.52 11.24 21.91
C ARG A 154 13.72 12.49 22.15
N GLY A 155 13.28 13.10 21.05
CA GLY A 155 12.49 14.30 21.17
C GLY A 155 11.25 13.92 21.94
N MET A 156 10.62 12.86 21.46
CA MET A 156 9.41 12.33 22.05
C MET A 156 9.61 11.85 23.47
N GLU A 157 10.78 11.26 23.74
CA GLU A 157 11.04 10.77 25.08
C GLU A 157 11.09 11.90 26.09
N TYR A 158 11.81 12.97 25.77
CA TYR A 158 11.89 14.12 26.66
C TYR A 158 10.47 14.64 26.91
N LEU A 159 9.74 14.88 25.83
CA LEU A 159 8.37 15.37 25.94
C LEU A 159 7.48 14.46 26.80
N ALA A 160 7.75 13.16 26.74
CA ALA A 160 7.01 12.16 27.53
C ALA A 160 7.41 12.31 29.00
N SER A 161 8.71 12.47 29.25
CA SER A 161 9.22 12.64 30.61
C SER A 161 8.67 13.91 31.27
N LYS A 162 8.20 14.85 30.45
CA LYS A 162 7.67 16.10 30.94
C LYS A 162 6.15 16.13 30.97
N LYS A 163 5.51 14.96 30.83
CA LYS A 163 4.04 14.82 30.86
C LYS A 163 3.28 15.35 29.64
N CYS A 164 4.01 15.58 28.56
CA CYS A 164 3.42 16.11 27.34
C CYS A 164 3.07 15.00 26.33
N ILE A 165 1.82 15.03 25.86
CA ILE A 165 1.30 14.09 24.87
C ILE A 165 1.16 14.96 23.62
N HIS A 166 1.78 14.52 22.53
CA HIS A 166 1.76 15.29 21.30
C HIS A 166 0.45 15.33 20.55
N ARG A 167 -0.12 14.16 20.27
CA ARG A 167 -1.39 14.02 19.54
C ARG A 167 -1.35 14.06 18.01
N ASP A 168 -0.36 14.72 17.44
CA ASP A 168 -0.22 14.72 16.01
C ASP A 168 1.21 14.52 15.54
N LEU A 169 1.88 13.56 16.16
CA LEU A 169 3.25 13.24 15.80
C LEU A 169 3.28 12.64 14.41
N ALA A 170 4.00 13.29 13.50
CA ALA A 170 4.14 12.86 12.11
C ALA A 170 5.38 13.55 11.55
N ALA A 171 5.90 13.07 10.43
CA ALA A 171 7.10 13.67 9.83
C ALA A 171 6.85 15.15 9.53
N ARG A 172 5.61 15.49 9.20
CA ARG A 172 5.27 16.88 8.93
C ARG A 172 5.54 17.73 10.17
N ASN A 173 5.32 17.15 11.35
CA ASN A 173 5.51 17.85 12.61
C ASN A 173 6.91 17.71 13.21
N VAL A 174 7.87 17.41 12.36
CA VAL A 174 9.27 17.31 12.78
C VAL A 174 10.02 18.19 11.80
N LEU A 175 10.78 19.15 12.32
CA LEU A 175 11.55 20.05 11.46
C LEU A 175 13.03 19.67 11.49
N VAL A 176 13.76 20.03 10.45
CA VAL A 176 15.19 19.70 10.34
C VAL A 176 16.05 20.96 10.22
N THR A 177 17.04 21.07 11.10
CA THR A 177 17.97 22.21 11.10
C THR A 177 19.08 22.01 10.05
N GLU A 178 19.86 23.06 9.84
CA GLU A 178 20.95 23.03 8.87
C GLU A 178 21.98 21.97 9.20
N ASP A 179 22.03 21.56 10.46
CA ASP A 179 22.97 20.53 10.89
C ASP A 179 22.33 19.15 10.81
N ASN A 180 21.12 19.09 10.26
CA ASN A 180 20.35 17.85 10.12
C ASN A 180 19.88 17.33 11.47
N VAL A 181 19.62 18.24 12.40
CA VAL A 181 19.13 17.85 13.72
C VAL A 181 17.62 17.80 13.63
N MET A 182 17.06 16.68 14.08
CA MET A 182 15.62 16.46 14.10
C MET A 182 15.02 17.18 15.30
N LYS A 183 14.03 18.04 15.04
CA LYS A 183 13.35 18.83 16.07
C LYS A 183 11.83 18.75 16.00
N ILE A 184 11.22 18.18 17.02
CA ILE A 184 9.77 18.04 17.08
C ILE A 184 9.02 19.36 17.27
N ALA A 185 8.06 19.62 16.41
CA ALA A 185 7.28 20.85 16.44
C ALA A 185 5.84 20.67 16.83
N ASP A 186 5.23 21.74 17.32
CA ASP A 186 3.82 21.75 17.69
C ASP A 186 3.40 20.79 18.78
N PHE A 187 4.28 20.60 19.76
CA PHE A 187 4.03 19.71 20.90
C PHE A 187 3.20 20.33 22.02
N GLY A 188 3.32 21.65 22.22
CA GLY A 188 2.54 22.33 23.24
C GLY A 188 1.33 23.01 22.63
N LEU A 189 0.99 22.59 21.43
CA LEU A 189 -0.13 23.12 20.67
C LEU A 189 -1.45 23.08 21.44
N ALA A 190 -2.30 24.07 21.21
CA ALA A 190 -3.60 24.16 21.88
C ALA A 190 -4.62 23.13 21.38
N ASP A 192 -8.83 20.98 20.13
CA ASP A 192 -9.92 20.26 20.76
C ASP A 192 -10.13 18.91 20.06
N ILE A 193 -9.97 17.83 20.81
CA ILE A 193 -10.13 16.47 20.28
C ILE A 193 -11.60 16.20 19.95
N HIS A 194 -12.48 16.96 20.59
CA HIS A 194 -13.91 16.83 20.38
C HIS A 194 -14.40 17.81 19.32
N HIS A 195 -13.46 18.44 18.62
CA HIS A 195 -13.77 19.40 17.57
C HIS A 195 -12.88 19.19 16.33
N ILE A 196 -12.23 18.03 16.26
CA ILE A 196 -11.36 17.71 15.14
C ILE A 196 -12.15 17.20 13.94
N ASP A 197 -11.81 17.68 12.75
CA ASP A 197 -12.49 17.22 11.55
C ASP A 197 -11.69 16.09 10.91
N TYR A 198 -12.30 14.91 10.86
CA TYR A 198 -11.68 13.72 10.30
C TYR A 198 -11.55 13.77 8.78
N TYR A 199 -12.47 14.46 8.12
CA TYR A 199 -12.46 14.57 6.67
C TYR A 199 -11.65 15.75 6.15
N LYS A 200 -10.69 16.19 6.94
CA LYS A 200 -9.83 17.32 6.57
C LYS A 200 -8.42 16.87 6.24
N LYS A 201 -7.90 17.38 5.12
CA LYS A 201 -6.55 17.03 4.68
C LYS A 201 -5.51 18.04 5.17
N THR A 202 -4.25 17.69 4.99
CA THR A 202 -3.13 18.53 5.41
C THR A 202 -2.84 19.65 4.42
N ASN A 204 -0.60 19.19 2.04
CA ASN A 204 -0.09 18.24 1.05
C ASN A 204 -1.16 17.22 0.67
N GLY A 205 -2.38 17.46 1.13
CA GLY A 205 -3.49 16.58 0.81
C GLY A 205 -3.51 15.21 1.47
N ARG A 206 -3.26 15.19 2.78
CA ARG A 206 -3.27 13.93 3.52
C ARG A 206 -4.20 13.99 4.73
N LEU A 207 -4.63 12.81 5.17
CA LEU A 207 -5.50 12.70 6.31
C LEU A 207 -4.71 12.38 7.58
N PRO A 208 -4.67 13.32 8.53
CA PRO A 208 -3.98 13.18 9.81
C PRO A 208 -4.50 11.99 10.63
N VAL A 209 -5.75 11.59 10.40
CA VAL A 209 -6.33 10.44 11.11
C VAL A 209 -5.51 9.18 10.85
N LYS A 210 -4.73 9.20 9.76
CA LYS A 210 -3.91 8.07 9.37
C LYS A 210 -2.71 7.88 10.28
N TRP A 211 -2.49 8.84 11.16
CA TRP A 211 -1.41 8.80 12.14
C TRP A 211 -1.95 8.48 13.54
N MET A 212 -3.28 8.48 13.66
CA MET A 212 -3.98 8.23 14.93
C MET A 212 -4.13 6.77 15.29
N ALA A 213 -3.92 6.49 16.57
CA ALA A 213 -4.08 5.13 17.11
C ALA A 213 -5.58 4.85 17.10
N PRO A 214 -5.97 3.58 16.98
CA PRO A 214 -7.40 3.23 16.96
C PRO A 214 -8.18 3.74 18.17
N GLU A 215 -7.62 3.63 19.37
CA GLU A 215 -8.33 4.10 20.54
C GLU A 215 -8.44 5.62 20.61
N ALA A 216 -7.49 6.33 19.99
CA ALA A 216 -7.53 7.79 19.96
C ALA A 216 -8.50 8.26 18.90
N LEU A 217 -8.67 7.44 17.87
CA LEU A 217 -9.56 7.73 16.76
C LEU A 217 -11.01 7.38 17.09
N PHE A 218 -11.22 6.22 17.71
CA PHE A 218 -12.55 5.76 18.04
C PHE A 218 -13.01 6.12 19.44
N ASP A 219 -12.13 5.90 20.42
CA ASP A 219 -12.47 6.16 21.83
C ASP A 219 -12.02 7.51 22.35
N ARG A 220 -11.41 8.31 21.48
CA ARG A 220 -10.92 9.64 21.86
C ARG A 220 -9.98 9.63 23.07
N ILE A 221 -9.23 8.53 23.24
CA ILE A 221 -8.30 8.43 24.34
C ILE A 221 -6.87 8.64 23.89
N TYR A 222 -6.30 9.77 24.28
CA TYR A 222 -4.93 10.13 23.92
C TYR A 222 -3.96 9.92 25.07
N THR A 223 -2.91 9.14 24.81
CA THR A 223 -1.89 8.86 25.80
C THR A 223 -0.53 8.80 25.10
N HIS A 224 0.53 8.61 25.88
CA HIS A 224 1.87 8.50 25.35
C HIS A 224 1.87 7.30 24.41
N GLN A 225 1.06 6.31 24.77
CA GLN A 225 0.91 5.06 24.02
C GLN A 225 0.34 5.29 22.64
N SER A 226 -0.64 6.17 22.52
CA SER A 226 -1.20 6.47 21.21
C SER A 226 -0.18 7.30 20.40
N ASP A 227 0.74 7.95 21.11
CA ASP A 227 1.79 8.73 20.46
C ASP A 227 2.79 7.73 19.93
N VAL A 228 2.86 6.56 20.56
CA VAL A 228 3.79 5.53 20.10
C VAL A 228 3.29 4.92 18.80
N TRP A 229 1.98 4.80 18.66
CA TRP A 229 1.37 4.31 17.43
C TRP A 229 1.80 5.28 16.30
N SER A 230 1.64 6.58 16.54
CA SER A 230 2.01 7.62 15.60
C SER A 230 3.50 7.61 15.24
N PHE A 231 4.37 7.32 16.20
CA PHE A 231 5.80 7.25 15.90
C PHE A 231 6.08 6.07 14.95
N GLY A 232 5.25 5.04 15.04
CA GLY A 232 5.39 3.88 14.17
C GLY A 232 5.07 4.26 12.74
N VAL A 233 4.04 5.09 12.57
CA VAL A 233 3.63 5.58 11.27
C VAL A 233 4.74 6.49 10.76
N LEU A 234 5.30 7.31 11.66
CA LEU A 234 6.40 8.21 11.31
C LEU A 234 7.62 7.38 10.90
N LEU A 235 7.87 6.27 11.60
CA LEU A 235 9.00 5.40 11.26
C LEU A 235 8.83 4.93 9.82
N TRP A 236 7.61 4.52 9.49
CA TRP A 236 7.23 4.06 8.16
C TRP A 236 7.48 5.16 7.12
N GLU A 237 7.33 6.43 7.51
CA GLU A 237 7.57 7.53 6.56
C GLU A 237 9.06 7.77 6.36
N ILE A 238 9.87 7.44 7.37
CA ILE A 238 11.31 7.63 7.26
C ILE A 238 11.84 6.61 6.28
N PHE A 239 11.40 5.37 6.42
CA PHE A 239 11.89 4.31 5.56
C PHE A 239 11.31 4.24 4.17
N THR A 240 10.28 5.07 3.93
CA THR A 240 9.69 5.16 2.61
C THR A 240 10.04 6.52 1.99
N LEU A 241 10.97 7.22 2.63
CA LEU A 241 11.43 8.54 2.19
C LEU A 241 10.32 9.54 1.96
N GLY A 242 9.45 9.67 2.96
CA GLY A 242 8.35 10.60 2.89
C GLY A 242 7.14 9.99 2.25
N GLY A 243 7.02 8.68 2.37
CA GLY A 243 5.87 8.00 1.80
C GLY A 243 4.54 8.38 2.44
N SER A 244 3.49 8.37 1.64
CA SER A 244 2.15 8.70 2.09
C SER A 244 1.45 7.44 2.61
N PRO A 245 0.98 7.46 3.87
CA PRO A 245 0.28 6.29 4.45
C PRO A 245 -1.10 6.09 3.82
N TYR A 246 -1.38 4.87 3.40
CA TYR A 246 -2.68 4.53 2.80
C TYR A 246 -3.12 5.39 1.61
N PRO A 247 -2.38 5.32 0.50
CA PRO A 247 -2.77 6.12 -0.67
C PRO A 247 -4.17 5.74 -1.18
N GLY A 248 -4.95 6.77 -1.53
CA GLY A 248 -6.29 6.55 -2.04
C GLY A 248 -7.30 6.03 -1.04
N VAL A 249 -6.91 5.90 0.23
CA VAL A 249 -7.81 5.40 1.29
C VAL A 249 -8.54 6.53 2.02
N PRO A 250 -9.87 6.63 1.83
CA PRO A 250 -10.63 7.67 2.51
C PRO A 250 -10.89 7.33 3.96
N VAL A 251 -11.33 8.31 4.73
CA VAL A 251 -11.60 8.13 6.17
C VAL A 251 -12.47 6.90 6.45
N GLU A 252 -13.63 6.84 5.81
CA GLU A 252 -14.56 5.73 5.99
C GLU A 252 -13.91 4.37 5.76
N GLU A 253 -13.02 4.29 4.77
CA GLU A 253 -12.32 3.04 4.47
C GLU A 253 -11.19 2.79 5.46
N LEU A 254 -10.62 3.86 6.01
CA LEU A 254 -9.53 3.74 6.98
C LEU A 254 -10.04 3.12 8.27
N PHE A 255 -11.25 3.49 8.69
CA PHE A 255 -11.85 2.96 9.90
C PHE A 255 -11.98 1.46 9.79
N LYS A 256 -12.43 1.03 8.61
CA LYS A 256 -12.64 -0.39 8.27
C LYS A 256 -11.35 -1.21 8.35
N LEU A 257 -10.26 -0.66 7.82
CA LEU A 257 -8.97 -1.34 7.86
C LEU A 257 -8.60 -1.47 9.31
N LEU A 258 -8.76 -0.38 10.05
CA LEU A 258 -8.43 -0.33 11.46
C LEU A 258 -9.27 -1.30 12.29
N LYS A 259 -10.55 -1.42 11.96
CA LYS A 259 -11.43 -2.32 12.68
C LYS A 259 -11.05 -3.76 12.37
N GLU A 260 -10.57 -3.97 11.15
CA GLU A 260 -10.15 -5.31 10.74
C GLU A 260 -8.76 -5.66 11.22
N GLY A 261 -8.05 -4.69 11.79
CA GLY A 261 -6.71 -4.92 12.29
C GLY A 261 -5.63 -4.88 11.23
N HIS A 262 -5.83 -4.01 10.24
CA HIS A 262 -4.88 -3.88 9.14
C HIS A 262 -3.60 -3.16 9.51
N ARG A 263 -2.50 -3.61 8.92
CA ARG A 263 -1.22 -3.00 9.17
C ARG A 263 -0.49 -2.88 7.83
N MET A 264 0.08 -1.70 7.56
CA MET A 264 0.79 -1.47 6.30
C MET A 264 1.89 -2.50 6.12
N ASP A 265 2.32 -2.71 4.88
CA ASP A 265 3.36 -3.68 4.58
C ASP A 265 4.74 -3.12 4.89
N LYS A 266 5.73 -4.00 4.96
CA LYS A 266 7.09 -3.58 5.23
C LYS A 266 7.65 -2.78 4.08
N PRO A 267 8.21 -1.61 4.38
CA PRO A 267 8.77 -0.79 3.29
C PRO A 267 9.89 -1.59 2.63
N SER A 268 10.12 -1.38 1.34
CA SER A 268 11.22 -2.06 0.70
C SER A 268 12.43 -1.33 1.26
N ASN A 269 13.57 -2.01 1.34
CA ASN A 269 14.77 -1.37 1.88
C ASN A 269 14.41 -0.86 3.29
N CYS A 270 14.35 -1.82 4.22
CA CYS A 270 14.02 -1.62 5.63
C CYS A 270 14.16 -3.02 6.22
N THR A 271 14.84 -3.14 7.36
CA THR A 271 15.05 -4.44 7.99
C THR A 271 13.80 -5.07 8.59
N ASN A 272 13.87 -6.34 8.94
CA ASN A 272 12.73 -7.00 9.55
C ASN A 272 12.67 -6.50 10.99
N GLU A 273 13.83 -6.11 11.53
CA GLU A 273 13.94 -5.59 12.89
C GLU A 273 13.25 -4.24 13.06
N LEU A 274 13.41 -3.35 12.08
CA LEU A 274 12.75 -2.07 12.14
C LEU A 274 11.28 -2.18 11.76
N TYR A 275 10.93 -3.18 10.94
CA TYR A 275 9.53 -3.39 10.55
C TYR A 275 8.82 -3.90 11.79
N MET A 276 9.54 -4.74 12.53
CA MET A 276 9.06 -5.33 13.76
C MET A 276 8.76 -4.23 14.76
N MET A 277 9.66 -3.26 14.83
CA MET A 277 9.50 -2.12 15.72
C MET A 277 8.24 -1.37 15.32
N MET A 278 8.07 -1.18 14.02
CA MET A 278 6.91 -0.50 13.50
C MET A 278 5.67 -1.22 13.94
N ARG A 279 5.69 -2.54 13.77
CA ARG A 279 4.58 -3.43 14.13
C ARG A 279 4.26 -3.39 15.63
N ASP A 280 5.29 -3.28 16.46
CA ASP A 280 5.13 -3.21 17.90
C ASP A 280 4.51 -1.88 18.29
N CYS A 281 4.79 -0.85 17.52
CA CYS A 281 4.23 0.48 17.78
C CYS A 281 2.74 0.46 17.46
N TRP A 282 2.36 -0.38 16.50
CA TRP A 282 0.95 -0.53 16.08
C TRP A 282 0.27 -1.71 16.79
N HIS A 283 0.74 -2.03 17.99
CA HIS A 283 0.14 -3.10 18.73
C HIS A 283 -1.30 -2.71 19.08
N ALA A 284 -2.22 -3.63 18.84
CA ALA A 284 -3.64 -3.45 19.09
C ALA A 284 -3.90 -2.97 20.51
N VAL A 285 -3.22 -3.60 21.46
CA VAL A 285 -3.33 -3.28 22.88
C VAL A 285 -2.34 -2.18 23.25
N PRO A 286 -2.85 -1.01 23.71
CA PRO A 286 -2.05 0.15 24.10
C PRO A 286 -0.95 -0.16 25.10
N SER A 287 -1.31 -0.88 26.17
CA SER A 287 -0.36 -1.25 27.21
C SER A 287 0.77 -2.15 26.73
N GLN A 288 0.63 -2.69 25.52
CA GLN A 288 1.65 -3.58 24.98
C GLN A 288 2.71 -2.96 24.06
N ARG A 289 2.42 -1.78 23.54
CA ARG A 289 3.35 -1.08 22.67
C ARG A 289 4.59 -0.70 23.48
N PRO A 290 5.75 -0.58 22.84
CA PRO A 290 6.91 -0.20 23.67
C PRO A 290 6.81 1.28 24.04
N THR A 291 7.63 1.70 24.99
CA THR A 291 7.62 3.09 25.42
C THR A 291 8.66 3.82 24.59
N PHE A 292 8.69 5.16 24.64
CA PHE A 292 9.72 5.90 23.89
C PHE A 292 11.08 5.65 24.51
N LYS A 293 11.11 5.44 25.82
CA LYS A 293 12.35 5.15 26.51
C LYS A 293 12.92 3.84 25.95
N GLN A 294 12.06 2.86 25.68
CA GLN A 294 12.47 1.57 25.12
C GLN A 294 12.91 1.77 23.67
N LEU A 295 12.12 2.54 22.92
CA LEU A 295 12.40 2.83 21.51
C LEU A 295 13.75 3.49 21.34
N VAL A 296 14.05 4.42 22.25
CA VAL A 296 15.31 5.12 22.24
C VAL A 296 16.45 4.13 22.46
N GLU A 297 16.25 3.17 23.36
CA GLU A 297 17.28 2.18 23.64
C GLU A 297 17.52 1.24 22.46
N ASP A 298 16.45 0.86 21.79
CA ASP A 298 16.58 -0.03 20.66
C ASP A 298 17.17 0.68 19.45
N LEU A 299 16.62 1.85 19.11
CA LEU A 299 17.13 2.63 17.99
C LEU A 299 18.59 2.97 18.17
N ASP A 300 18.98 3.24 19.41
CA ASP A 300 20.36 3.56 19.70
C ASP A 300 21.25 2.35 19.46
N ARG A 301 20.73 1.16 19.74
CA ARG A 301 21.48 -0.08 19.52
C ARG A 301 21.56 -0.38 18.02
N ILE A 302 20.48 -0.11 17.30
CA ILE A 302 20.43 -0.35 15.87
C ILE A 302 21.31 0.63 15.11
N VAL A 303 21.28 1.91 15.49
CA VAL A 303 22.08 2.92 14.81
C VAL A 303 23.54 2.50 14.85
N ALA A 304 23.98 2.10 16.04
CA ALA A 304 25.35 1.68 16.24
C ALA A 304 25.69 0.49 15.34
N LEU A 305 24.72 -0.39 15.12
CA LEU A 305 24.91 -1.57 14.29
C LEU A 305 24.62 -1.32 12.81
N THR A 306 23.97 -0.20 12.52
CA THR A 306 23.61 0.09 11.15
C THR A 306 24.75 0.59 10.27
N SER A 307 24.76 0.08 9.04
CA SER A 307 25.74 0.41 8.01
C SER A 307 25.57 1.83 7.47
N SER B 6 -27.84 -24.94 -28.59
CA SER B 6 -29.19 -24.76 -29.12
C SER B 6 -30.23 -25.46 -28.23
N GLU B 7 -31.50 -25.09 -28.43
CA GLU B 7 -32.62 -25.59 -27.67
C GLU B 7 -32.79 -27.09 -27.41
N TYR B 8 -32.86 -27.90 -28.47
CA TYR B 8 -33.08 -29.34 -28.32
C TYR B 8 -31.89 -30.26 -28.41
N GLU B 9 -30.85 -29.85 -29.12
CA GLU B 9 -29.69 -30.70 -29.23
C GLU B 9 -28.45 -29.93 -29.59
N LEU B 10 -27.36 -30.24 -28.90
CA LEU B 10 -26.10 -29.58 -29.16
C LEU B 10 -25.40 -30.21 -30.35
N PRO B 11 -24.54 -29.42 -31.01
CA PRO B 11 -23.74 -29.81 -32.17
C PRO B 11 -22.87 -30.97 -31.77
N GLU B 12 -22.68 -31.87 -32.71
CA GLU B 12 -21.88 -33.05 -32.45
C GLU B 12 -20.42 -32.88 -32.89
N ASP B 13 -19.51 -33.45 -32.10
CA ASP B 13 -18.08 -33.44 -32.38
C ASP B 13 -17.43 -34.62 -31.71
N PRO B 14 -17.34 -35.74 -32.44
CA PRO B 14 -16.75 -37.01 -32.01
C PRO B 14 -15.37 -36.88 -31.37
N ARG B 15 -14.62 -35.89 -31.82
CA ARG B 15 -13.27 -35.65 -31.32
C ARG B 15 -13.18 -35.45 -29.81
N TRP B 16 -14.12 -34.70 -29.24
CA TRP B 16 -14.13 -34.38 -27.81
C TRP B 16 -15.09 -35.16 -26.94
N GLU B 17 -16.16 -35.64 -27.56
CA GLU B 17 -17.20 -36.36 -26.84
C GLU B 17 -16.72 -37.51 -25.98
N LEU B 18 -17.22 -37.52 -24.74
CA LEU B 18 -16.91 -38.57 -23.79
C LEU B 18 -18.24 -39.14 -23.30
N PRO B 19 -18.40 -40.47 -23.33
CA PRO B 19 -19.62 -41.13 -22.89
C PRO B 19 -19.88 -40.81 -21.42
N ARG B 20 -21.07 -40.31 -21.12
CA ARG B 20 -21.42 -39.94 -19.75
C ARG B 20 -21.17 -41.03 -18.71
N ASP B 21 -21.27 -42.30 -19.13
CA ASP B 21 -21.05 -43.42 -18.21
C ASP B 21 -19.59 -43.52 -17.77
N ARG B 22 -18.70 -42.92 -18.56
CA ARG B 22 -17.27 -42.89 -18.25
C ARG B 22 -16.88 -41.73 -17.33
N LEU B 23 -17.86 -40.87 -17.02
CA LEU B 23 -17.65 -39.73 -16.14
C LEU B 23 -18.47 -39.90 -14.86
N VAL B 24 -17.88 -39.67 -13.71
CA VAL B 24 -18.58 -39.78 -12.43
C VAL B 24 -18.47 -38.49 -11.64
N LEU B 25 -19.52 -37.68 -11.70
CA LEU B 25 -19.55 -36.38 -11.03
C LEU B 25 -19.31 -36.45 -9.53
N GLY B 26 -18.66 -35.42 -8.99
CA GLY B 26 -18.34 -35.41 -7.58
C GLY B 26 -18.55 -34.13 -6.77
N LYS B 27 -17.71 -33.95 -5.76
CA LYS B 27 -17.78 -32.81 -4.86
C LYS B 27 -17.59 -31.49 -5.57
N PRO B 28 -18.61 -30.63 -5.54
CA PRO B 28 -18.48 -29.33 -6.21
C PRO B 28 -17.31 -28.50 -5.71
N LEU B 29 -16.60 -27.87 -6.65
CA LEU B 29 -15.46 -27.02 -6.35
C LEU B 29 -15.91 -25.59 -6.02
N GLY B 30 -17.02 -25.17 -6.61
CA GLY B 30 -17.57 -23.85 -6.38
C GLY B 30 -18.67 -23.55 -7.38
N GLU B 31 -18.98 -22.27 -7.57
CA GLU B 31 -20.04 -21.86 -8.51
C GLU B 31 -19.90 -20.38 -8.88
N GLY B 32 -20.84 -19.92 -9.71
CA GLY B 32 -20.83 -18.53 -10.16
C GLY B 32 -22.11 -18.20 -10.91
N ALA B 33 -22.15 -17.01 -11.51
CA ALA B 33 -23.31 -16.53 -12.26
C ALA B 33 -23.68 -17.48 -13.39
N PHE B 34 -22.69 -17.72 -14.23
CA PHE B 34 -22.79 -18.58 -15.40
C PHE B 34 -23.31 -19.98 -15.11
N GLY B 35 -22.56 -20.73 -14.32
CA GLY B 35 -22.94 -22.09 -14.04
C GLY B 35 -22.32 -22.67 -12.80
N GLN B 36 -21.71 -23.84 -12.99
CA GLN B 36 -21.19 -24.57 -11.88
C GLN B 36 -20.05 -25.53 -12.22
N VAL B 37 -19.07 -25.60 -11.33
CA VAL B 37 -17.91 -26.46 -11.51
C VAL B 37 -17.92 -27.47 -10.38
N VAL B 38 -17.61 -28.72 -10.71
CA VAL B 38 -17.58 -29.79 -9.71
C VAL B 38 -16.44 -30.75 -10.00
N LEU B 39 -15.89 -31.33 -8.95
CA LEU B 39 -14.82 -32.31 -9.12
C LEU B 39 -15.46 -33.56 -9.71
N ALA B 40 -14.70 -34.38 -10.42
CA ALA B 40 -15.26 -35.59 -11.00
C ALA B 40 -14.15 -36.59 -11.32
N GLU B 41 -14.54 -37.75 -11.84
CA GLU B 41 -13.56 -38.77 -12.20
C GLU B 41 -13.88 -39.40 -13.55
N ALA B 42 -13.09 -39.01 -14.55
CA ALA B 42 -13.27 -39.53 -15.89
C ALA B 42 -12.49 -40.82 -16.04
N ILE B 43 -12.94 -41.68 -16.95
CA ILE B 43 -12.28 -42.95 -17.22
C ILE B 43 -11.89 -43.09 -18.69
N GLY B 44 -10.60 -43.33 -18.93
CA GLY B 44 -10.11 -43.50 -20.28
C GLY B 44 -10.23 -42.29 -21.20
N LEU B 45 -9.61 -41.18 -20.82
CA LEU B 45 -9.65 -39.96 -21.62
C LEU B 45 -8.77 -40.09 -22.87
N PRO B 50 -7.16 -47.09 -21.23
CA PRO B 50 -8.59 -46.98 -21.59
C PRO B 50 -9.54 -47.30 -20.43
N ASN B 51 -8.97 -47.56 -19.26
CA ASN B 51 -9.76 -47.87 -18.09
C ASN B 51 -9.10 -47.33 -16.84
N ARG B 52 -8.42 -46.19 -16.98
CA ARG B 52 -7.75 -45.56 -15.84
C ARG B 52 -8.53 -44.30 -15.47
N VAL B 53 -8.79 -44.12 -14.19
CA VAL B 53 -9.51 -42.94 -13.73
C VAL B 53 -8.62 -41.69 -13.59
N THR B 54 -9.06 -40.59 -14.20
CA THR B 54 -8.36 -39.31 -14.16
C THR B 54 -9.30 -38.35 -13.45
N LYS B 55 -8.76 -37.56 -12.53
CA LYS B 55 -9.57 -36.57 -11.82
C LYS B 55 -9.61 -35.33 -12.68
N VAL B 56 -10.78 -34.72 -12.79
CA VAL B 56 -10.97 -33.54 -13.61
C VAL B 56 -11.97 -32.59 -12.98
N ALA B 57 -12.11 -31.42 -13.57
CA ALA B 57 -13.09 -30.44 -13.10
C ALA B 57 -14.11 -30.42 -14.21
N VAL B 58 -15.38 -30.38 -13.85
CA VAL B 58 -16.43 -30.36 -14.86
C VAL B 58 -17.25 -29.10 -14.70
N LYS B 59 -17.32 -28.31 -15.76
CA LYS B 59 -18.13 -27.10 -15.72
C LYS B 59 -19.45 -27.47 -16.37
N MET B 60 -20.53 -26.87 -15.89
CA MET B 60 -21.88 -27.15 -16.39
C MET B 60 -22.83 -26.03 -15.97
N LEU B 61 -23.98 -25.96 -16.63
CA LEU B 61 -24.99 -24.95 -16.31
C LEU B 61 -25.73 -25.27 -15.01
N LYS B 62 -26.19 -24.21 -14.34
CA LYS B 62 -26.96 -24.38 -13.12
C LYS B 62 -28.42 -24.54 -13.57
N SER B 63 -29.24 -25.17 -12.74
CA SER B 63 -30.64 -25.41 -13.07
C SER B 63 -31.47 -24.19 -13.40
N ASP B 64 -30.93 -23.00 -13.15
CA ASP B 64 -31.63 -21.75 -13.44
C ASP B 64 -31.07 -21.05 -14.67
N ALA B 65 -30.27 -21.79 -15.46
CA ALA B 65 -29.64 -21.27 -16.66
C ALA B 65 -30.61 -21.00 -17.81
N THR B 66 -30.17 -20.13 -18.71
CA THR B 66 -30.97 -19.75 -19.86
C THR B 66 -30.26 -20.12 -21.15
N GLU B 67 -30.97 -20.10 -22.27
CA GLU B 67 -30.38 -20.45 -23.57
C GLU B 67 -29.06 -19.69 -23.84
N LYS B 68 -28.98 -18.46 -23.32
CA LYS B 68 -27.79 -17.65 -23.50
C LYS B 68 -26.68 -18.14 -22.61
N ASP B 69 -27.04 -18.61 -21.41
CA ASP B 69 -26.06 -19.14 -20.49
C ASP B 69 -25.42 -20.36 -21.15
N LEU B 70 -26.24 -21.17 -21.81
CA LEU B 70 -25.76 -22.37 -22.50
C LEU B 70 -24.83 -21.89 -23.62
N SER B 71 -25.34 -20.97 -24.42
CA SER B 71 -24.60 -20.39 -25.52
C SER B 71 -23.20 -19.85 -25.11
N ASP B 72 -23.09 -19.39 -23.87
CA ASP B 72 -21.83 -18.88 -23.36
C ASP B 72 -20.91 -20.01 -22.95
N LEU B 73 -21.49 -21.09 -22.41
CA LEU B 73 -20.69 -22.23 -21.97
C LEU B 73 -20.17 -22.98 -23.20
N ILE B 74 -20.97 -22.97 -24.27
CA ILE B 74 -20.57 -23.63 -25.51
C ILE B 74 -19.44 -22.83 -26.14
N SER B 75 -19.65 -21.52 -26.25
CA SER B 75 -18.64 -20.64 -26.80
C SER B 75 -17.32 -20.78 -26.04
N GLU B 76 -17.39 -20.91 -24.73
CA GLU B 76 -16.18 -21.08 -23.92
C GLU B 76 -15.45 -22.39 -24.26
N MET B 77 -16.21 -23.45 -24.55
CA MET B 77 -15.66 -24.76 -24.89
C MET B 77 -15.03 -24.70 -26.28
N GLU B 78 -15.74 -24.09 -27.19
CA GLU B 78 -15.29 -23.94 -28.57
C GLU B 78 -14.00 -23.13 -28.61
N MET B 79 -13.93 -22.09 -27.79
CA MET B 79 -12.74 -21.25 -27.76
C MET B 79 -11.55 -22.00 -27.25
N MET B 80 -11.75 -22.83 -26.23
CA MET B 80 -10.67 -23.63 -25.67
C MET B 80 -10.21 -24.58 -26.78
N LYS B 81 -11.14 -24.99 -27.63
CA LYS B 81 -10.86 -25.88 -28.76
C LYS B 81 -10.00 -25.19 -29.81
N MET B 82 -10.36 -23.95 -30.17
CA MET B 82 -9.60 -23.20 -31.16
C MET B 82 -8.19 -22.94 -30.64
N ILE B 83 -8.09 -22.44 -29.41
CA ILE B 83 -6.82 -22.12 -28.79
C ILE B 83 -5.81 -23.27 -28.80
N GLY B 84 -6.16 -24.39 -28.18
CA GLY B 84 -5.25 -25.51 -28.16
C GLY B 84 -4.62 -25.77 -26.81
N LYS B 85 -3.83 -26.83 -26.73
CA LYS B 85 -3.18 -27.20 -25.47
C LYS B 85 -1.86 -26.54 -25.11
N HIS B 86 -1.65 -26.36 -23.82
CA HIS B 86 -0.42 -25.79 -23.30
C HIS B 86 -0.32 -26.08 -21.80
N LYS B 87 0.87 -26.49 -21.36
CA LYS B 87 1.15 -26.85 -19.96
C LYS B 87 0.77 -25.82 -18.95
N ASN B 88 0.85 -24.55 -19.33
CA ASN B 88 0.53 -23.47 -18.41
C ASN B 88 -0.86 -22.85 -18.50
N ILE B 89 -1.81 -23.61 -19.05
CA ILE B 89 -3.21 -23.16 -19.10
C ILE B 89 -4.06 -24.35 -18.69
N ILE B 90 -5.31 -24.08 -18.29
CA ILE B 90 -6.26 -25.13 -17.91
C ILE B 90 -6.81 -25.66 -19.24
N ASN B 91 -6.46 -26.89 -19.58
CA ASN B 91 -6.85 -27.50 -20.84
C ASN B 91 -8.19 -28.22 -20.90
N LEU B 92 -8.72 -28.32 -22.12
CA LEU B 92 -9.97 -29.04 -22.39
C LEU B 92 -9.61 -30.51 -22.51
N LEU B 93 -10.33 -31.36 -21.80
CA LEU B 93 -10.09 -32.79 -21.82
C LEU B 93 -11.20 -33.58 -22.51
N GLY B 94 -12.43 -33.10 -22.40
CA GLY B 94 -13.54 -33.80 -23.01
C GLY B 94 -14.84 -33.05 -22.86
N ALA B 95 -15.92 -33.62 -23.39
CA ALA B 95 -17.23 -32.99 -23.30
C ALA B 95 -18.41 -33.93 -23.57
N CYS B 96 -19.41 -33.82 -22.70
CA CYS B 96 -20.68 -34.57 -22.82
C CYS B 96 -21.62 -33.47 -23.30
N THR B 97 -21.99 -33.54 -24.56
CA THR B 97 -22.85 -32.53 -25.16
C THR B 97 -24.21 -33.10 -25.57
N GLN B 98 -24.22 -34.38 -25.90
CA GLN B 98 -25.39 -35.10 -26.38
C GLN B 98 -26.23 -35.79 -25.32
N ASP B 99 -27.55 -35.76 -25.54
CA ASP B 99 -28.52 -36.41 -24.67
C ASP B 99 -28.28 -36.15 -23.18
N GLY B 100 -28.46 -34.90 -22.77
CA GLY B 100 -28.25 -34.52 -21.39
C GLY B 100 -27.60 -33.15 -21.29
N PRO B 101 -27.40 -32.63 -20.06
CA PRO B 101 -26.78 -31.32 -19.87
C PRO B 101 -25.34 -31.34 -20.32
N LEU B 102 -24.89 -30.21 -20.84
CA LEU B 102 -23.53 -30.08 -21.31
C LEU B 102 -22.51 -30.15 -20.17
N TYR B 103 -21.42 -30.88 -20.41
CA TYR B 103 -20.35 -30.99 -19.43
C TYR B 103 -19.01 -30.67 -20.09
N VAL B 104 -18.41 -29.56 -19.67
CA VAL B 104 -17.11 -29.13 -20.17
C VAL B 104 -16.07 -29.69 -19.19
N ILE B 105 -15.42 -30.77 -19.61
CA ILE B 105 -14.46 -31.44 -18.76
C ILE B 105 -13.05 -30.91 -18.93
N VAL B 106 -12.53 -30.24 -17.92
CA VAL B 106 -11.17 -29.68 -17.97
C VAL B 106 -10.20 -30.25 -16.91
N GLU B 107 -8.97 -29.74 -16.87
CA GLU B 107 -7.95 -30.21 -15.92
C GLU B 107 -8.24 -29.77 -14.48
N TYR B 108 -7.87 -30.62 -13.53
CA TYR B 108 -8.08 -30.36 -12.11
C TYR B 108 -6.83 -29.79 -11.43
N ALA B 109 -7.03 -28.68 -10.73
CA ALA B 109 -5.99 -27.97 -10.02
C ALA B 109 -6.22 -28.13 -8.53
N SER B 110 -5.56 -29.13 -7.94
CA SER B 110 -5.70 -29.46 -6.53
C SER B 110 -5.32 -28.41 -5.50
N LYS B 111 -4.51 -27.45 -5.90
CA LYS B 111 -4.09 -26.43 -4.94
C LYS B 111 -4.73 -25.06 -5.15
N GLY B 112 -5.92 -25.05 -5.75
CA GLY B 112 -6.65 -23.82 -5.99
C GLY B 112 -5.89 -22.70 -6.68
N ASN B 113 -6.44 -21.49 -6.65
CA ASN B 113 -5.79 -20.38 -7.30
C ASN B 113 -4.53 -19.94 -6.59
N LEU B 114 -3.65 -19.30 -7.34
CA LEU B 114 -2.36 -18.82 -6.88
C LEU B 114 -2.39 -17.96 -5.63
N ARG B 115 -3.43 -17.14 -5.46
CA ARG B 115 -3.54 -16.27 -4.29
C ARG B 115 -3.61 -17.10 -3.01
N GLU B 116 -4.55 -18.03 -2.99
CA GLU B 116 -4.74 -18.93 -1.86
C GLU B 116 -3.49 -19.76 -1.65
N TYR B 117 -2.92 -20.22 -2.75
CA TYR B 117 -1.71 -21.04 -2.75
C TYR B 117 -0.56 -20.33 -2.02
N LEU B 118 -0.32 -19.09 -2.45
CA LEU B 118 0.74 -18.22 -1.94
C LEU B 118 0.56 -17.83 -0.48
N GLN B 119 -0.68 -17.75 -0.03
CA GLN B 119 -0.95 -17.37 1.34
C GLN B 119 -0.79 -18.50 2.33
N ALA B 120 -1.15 -19.71 1.91
CA ALA B 120 -1.02 -20.88 2.77
C ALA B 120 0.43 -21.25 2.96
N ARG B 121 1.31 -20.63 2.18
CA ARG B 121 2.73 -20.93 2.24
C ARG B 121 3.63 -19.79 2.65
N ARG B 122 3.11 -18.86 3.44
CA ARG B 122 3.90 -17.72 3.90
C ARG B 122 4.83 -18.10 5.06
N GLN B 139 6.16 -23.38 1.81
CA GLN B 139 7.16 -22.32 1.92
C GLN B 139 7.95 -22.20 0.61
N LEU B 140 7.61 -21.19 -0.16
CA LEU B 140 8.24 -20.96 -1.46
C LEU B 140 9.61 -20.33 -1.34
N SER B 141 10.48 -20.61 -2.31
CA SER B 141 11.83 -20.04 -2.35
C SER B 141 11.88 -18.88 -3.32
N SER B 142 12.97 -18.12 -3.26
CA SER B 142 13.14 -16.97 -4.15
C SER B 142 13.06 -17.42 -5.61
N LYS B 143 13.59 -18.60 -5.89
CA LYS B 143 13.56 -19.16 -7.25
C LYS B 143 12.10 -19.51 -7.57
N ASP B 144 11.44 -20.17 -6.62
CA ASP B 144 10.04 -20.57 -6.74
C ASP B 144 9.10 -19.43 -7.11
N LEU B 145 9.27 -18.27 -6.47
CA LEU B 145 8.40 -17.12 -6.76
C LEU B 145 8.59 -16.63 -8.19
N VAL B 146 9.82 -16.65 -8.66
CA VAL B 146 10.13 -16.22 -10.03
C VAL B 146 9.76 -17.35 -11.00
N SER B 147 9.85 -18.59 -10.53
CA SER B 147 9.51 -19.76 -11.34
C SER B 147 8.02 -19.69 -11.63
N CYS B 148 7.27 -19.32 -10.61
CA CYS B 148 5.83 -19.21 -10.71
C CYS B 148 5.41 -18.09 -11.66
N ALA B 149 6.17 -17.00 -11.65
CA ALA B 149 5.91 -15.84 -12.51
C ALA B 149 6.25 -16.15 -13.96
N TYR B 150 7.31 -16.94 -14.15
CA TYR B 150 7.76 -17.36 -15.46
C TYR B 150 6.65 -18.22 -16.13
N GLN B 151 6.16 -19.25 -15.42
CA GLN B 151 5.10 -20.14 -15.90
C GLN B 151 3.80 -19.41 -16.30
N VAL B 152 3.50 -18.32 -15.60
CA VAL B 152 2.31 -17.53 -15.88
C VAL B 152 2.57 -16.70 -17.16
N ALA B 153 3.83 -16.29 -17.35
CA ALA B 153 4.22 -15.49 -18.53
C ALA B 153 4.22 -16.38 -19.77
N ARG B 154 4.64 -17.63 -19.61
CA ARG B 154 4.66 -18.58 -20.72
C ARG B 154 3.24 -18.73 -21.22
N GLY B 155 2.37 -19.22 -20.33
CA GLY B 155 0.97 -19.43 -20.66
C GLY B 155 0.34 -18.25 -21.36
N MET B 156 0.66 -17.05 -20.91
CA MET B 156 0.09 -15.87 -21.52
C MET B 156 0.64 -15.64 -22.93
N GLU B 157 1.93 -15.91 -23.10
CA GLU B 157 2.59 -15.76 -24.39
C GLU B 157 1.85 -16.70 -25.35
N TYR B 158 1.56 -17.92 -24.87
CA TYR B 158 0.84 -18.92 -25.64
C TYR B 158 -0.55 -18.42 -26.03
N LEU B 159 -1.32 -17.98 -25.04
CA LEU B 159 -2.67 -17.50 -25.30
C LEU B 159 -2.62 -16.33 -26.27
N ALA B 160 -1.59 -15.51 -26.15
CA ALA B 160 -1.42 -14.33 -27.01
C ALA B 160 -1.04 -14.73 -28.43
N SER B 161 -0.27 -15.80 -28.55
CA SER B 161 0.14 -16.28 -29.86
C SER B 161 -1.09 -16.84 -30.56
N LYS B 162 -2.13 -17.14 -29.76
CA LYS B 162 -3.40 -17.65 -30.27
C LYS B 162 -4.44 -16.53 -30.35
N LYS B 163 -3.95 -15.29 -30.39
CA LYS B 163 -4.82 -14.11 -30.51
C LYS B 163 -5.75 -13.90 -29.31
N CYS B 164 -5.52 -14.65 -28.24
CA CYS B 164 -6.36 -14.54 -27.04
C CYS B 164 -5.99 -13.41 -26.08
N ILE B 165 -7.00 -12.59 -25.75
CA ILE B 165 -6.87 -11.47 -24.82
C ILE B 165 -7.62 -11.90 -23.55
N HIS B 166 -6.87 -12.17 -22.49
CA HIS B 166 -7.48 -12.64 -21.26
C HIS B 166 -8.43 -11.64 -20.63
N ARG B 167 -8.01 -10.39 -20.49
CA ARG B 167 -8.83 -9.32 -19.91
C ARG B 167 -9.11 -9.41 -18.42
N ASP B 168 -8.59 -10.43 -17.74
CA ASP B 168 -8.81 -10.54 -16.30
C ASP B 168 -7.70 -11.36 -15.68
N LEU B 169 -6.49 -11.21 -16.19
CA LEU B 169 -5.37 -11.94 -15.63
C LEU B 169 -5.21 -11.47 -14.17
N ALA B 170 -5.03 -12.43 -13.26
CA ALA B 170 -4.85 -12.14 -11.83
C ALA B 170 -4.57 -13.47 -11.18
N ALA B 171 -3.97 -13.46 -9.99
CA ALA B 171 -3.62 -14.69 -9.27
C ALA B 171 -4.80 -15.60 -9.04
N ARG B 172 -6.00 -15.04 -8.97
CA ARG B 172 -7.21 -15.82 -8.76
C ARG B 172 -7.52 -16.68 -9.99
N ASN B 173 -7.17 -16.17 -11.17
CA ASN B 173 -7.43 -16.88 -12.41
C ASN B 173 -6.26 -17.72 -12.88
N VAL B 174 -5.40 -18.03 -11.92
CA VAL B 174 -4.25 -18.91 -12.13
C VAL B 174 -4.55 -20.04 -11.14
N LEU B 175 -4.52 -21.27 -11.61
CA LEU B 175 -4.79 -22.42 -10.76
C LEU B 175 -3.52 -23.27 -10.70
N VAL B 176 -3.29 -23.91 -9.57
CA VAL B 176 -2.08 -24.71 -9.42
C VAL B 176 -2.38 -26.19 -9.21
N THR B 177 -1.71 -27.02 -9.99
CA THR B 177 -1.87 -28.47 -9.93
C THR B 177 -1.12 -29.09 -8.73
N GLU B 178 -1.34 -30.38 -8.50
CA GLU B 178 -0.69 -31.12 -7.42
C GLU B 178 0.82 -31.04 -7.54
N ASP B 179 1.29 -30.97 -8.78
CA ASP B 179 2.71 -30.91 -9.05
C ASP B 179 3.24 -29.48 -9.20
N ASN B 180 2.46 -28.51 -8.71
CA ASN B 180 2.77 -27.06 -8.72
C ASN B 180 2.97 -26.42 -10.10
N VAL B 181 2.11 -26.78 -11.06
CA VAL B 181 2.19 -26.23 -12.40
C VAL B 181 1.17 -25.11 -12.51
N MET B 182 1.63 -23.89 -12.75
CA MET B 182 0.72 -22.76 -12.88
C MET B 182 -0.10 -22.94 -14.15
N LYS B 183 -1.41 -22.75 -14.03
CA LYS B 183 -2.32 -22.88 -15.15
C LYS B 183 -3.32 -21.74 -15.29
N ILE B 184 -3.14 -20.90 -16.31
CA ILE B 184 -4.05 -19.78 -16.55
C ILE B 184 -5.46 -20.34 -16.70
N ALA B 185 -6.43 -19.67 -16.11
CA ALA B 185 -7.83 -20.09 -16.16
C ALA B 185 -8.72 -18.94 -16.63
N ASP B 186 -9.92 -19.26 -17.09
CA ASP B 186 -10.89 -18.25 -17.57
C ASP B 186 -10.48 -17.41 -18.76
N PHE B 187 -9.49 -17.87 -19.51
CA PHE B 187 -9.00 -17.15 -20.68
C PHE B 187 -9.96 -17.15 -21.87
N GLY B 188 -10.88 -18.12 -21.90
CA GLY B 188 -11.83 -18.23 -23.00
C GLY B 188 -13.25 -17.80 -22.66
N LEU B 189 -13.42 -17.15 -21.50
CA LEU B 189 -14.73 -16.69 -21.05
C LEU B 189 -15.33 -15.73 -22.05
N ALA B 190 -16.51 -16.09 -22.57
CA ALA B 190 -17.23 -15.28 -23.53
C ALA B 190 -17.55 -13.89 -22.96
N ASP B 197 -19.55 -3.96 -14.13
CA ASP B 197 -19.68 -3.32 -12.82
C ASP B 197 -18.30 -3.14 -12.19
N TYR B 198 -17.77 -1.93 -12.30
CA TYR B 198 -16.47 -1.59 -11.76
C TYR B 198 -16.44 -1.75 -10.24
N TYR B 199 -17.61 -1.87 -9.63
CA TYR B 199 -17.71 -1.99 -8.20
C TYR B 199 -17.96 -3.41 -7.68
N LYS B 200 -18.26 -4.35 -8.57
CA LYS B 200 -18.50 -5.72 -8.12
C LYS B 200 -17.21 -6.36 -7.64
N LYS B 201 -17.28 -6.99 -6.48
CA LYS B 201 -16.12 -7.65 -5.88
C LYS B 201 -16.01 -9.12 -6.29
N GLY B 205 -12.96 -10.63 -1.85
CA GLY B 205 -13.75 -9.46 -2.22
C GLY B 205 -12.91 -8.26 -2.61
N ARG B 206 -12.04 -8.44 -3.59
CA ARG B 206 -11.20 -7.35 -4.09
C ARG B 206 -11.88 -6.77 -5.32
N LEU B 207 -11.38 -5.64 -5.81
CA LEU B 207 -11.96 -5.01 -6.98
C LEU B 207 -11.10 -5.30 -8.19
N PRO B 208 -11.60 -6.14 -9.12
CA PRO B 208 -10.88 -6.52 -10.34
C PRO B 208 -10.36 -5.33 -11.16
N VAL B 209 -10.98 -4.16 -11.00
CA VAL B 209 -10.53 -2.97 -11.72
C VAL B 209 -9.11 -2.65 -11.29
N LYS B 210 -8.74 -3.12 -10.10
CA LYS B 210 -7.40 -2.87 -9.59
C LYS B 210 -6.30 -3.54 -10.42
N TRP B 211 -6.71 -4.48 -11.28
CA TRP B 211 -5.78 -5.18 -12.15
C TRP B 211 -5.78 -4.56 -13.54
N MET B 212 -6.79 -3.74 -13.82
CA MET B 212 -6.94 -3.12 -15.13
C MET B 212 -5.96 -2.07 -15.59
N ALA B 213 -5.56 -2.20 -16.85
CA ALA B 213 -4.66 -1.28 -17.49
C ALA B 213 -5.48 0.00 -17.61
N PRO B 214 -4.80 1.16 -17.49
CA PRO B 214 -5.53 2.44 -17.59
C PRO B 214 -6.28 2.61 -18.93
N GLU B 215 -5.70 2.16 -20.03
CA GLU B 215 -6.36 2.30 -21.33
C GLU B 215 -7.59 1.42 -21.48
N ALA B 216 -7.58 0.26 -20.83
CA ALA B 216 -8.70 -0.67 -20.88
C ALA B 216 -9.78 -0.20 -19.91
N LEU B 217 -9.35 0.50 -18.86
CA LEU B 217 -10.24 1.02 -17.82
C LEU B 217 -10.82 2.41 -18.13
N PHE B 218 -10.07 3.20 -18.90
CA PHE B 218 -10.52 4.54 -19.27
C PHE B 218 -10.98 4.55 -20.74
N ASP B 219 -10.17 3.97 -21.64
CA ASP B 219 -10.48 3.93 -23.07
C ASP B 219 -11.15 2.66 -23.61
N ARG B 220 -11.52 1.72 -22.74
CA ARG B 220 -12.12 0.43 -23.13
C ARG B 220 -11.25 -0.36 -24.14
N ILE B 221 -9.99 0.03 -24.26
CA ILE B 221 -9.04 -0.58 -25.18
C ILE B 221 -8.39 -1.82 -24.58
N TYR B 222 -8.92 -2.98 -24.92
CA TYR B 222 -8.37 -4.23 -24.41
C TYR B 222 -7.40 -4.78 -25.44
N THR B 223 -6.16 -5.02 -25.02
CA THR B 223 -5.14 -5.55 -25.92
C THR B 223 -4.28 -6.58 -25.21
N HIS B 224 -3.32 -7.15 -25.94
CA HIS B 224 -2.41 -8.10 -25.33
C HIS B 224 -1.51 -7.32 -24.38
N GLN B 225 -1.30 -6.05 -24.70
CA GLN B 225 -0.47 -5.18 -23.87
C GLN B 225 -1.15 -4.80 -22.59
N SER B 226 -2.48 -4.73 -22.61
CA SER B 226 -3.22 -4.42 -21.40
C SER B 226 -3.10 -5.60 -20.44
N ASP B 227 -2.96 -6.81 -21.00
CA ASP B 227 -2.80 -8.01 -20.17
C ASP B 227 -1.44 -7.94 -19.50
N VAL B 228 -0.51 -7.26 -20.16
CA VAL B 228 0.85 -7.10 -19.65
C VAL B 228 0.83 -6.19 -18.41
N TRP B 229 -0.13 -5.28 -18.37
CA TRP B 229 -0.30 -4.39 -17.22
C TRP B 229 -0.76 -5.25 -16.04
N SER B 230 -1.83 -6.01 -16.27
CA SER B 230 -2.43 -6.91 -15.29
C SER B 230 -1.43 -7.95 -14.77
N PHE B 231 -0.48 -8.33 -15.61
CA PHE B 231 0.56 -9.30 -15.24
C PHE B 231 1.52 -8.65 -14.23
N GLY B 232 1.69 -7.33 -14.34
CA GLY B 232 2.55 -6.62 -13.42
C GLY B 232 1.92 -6.69 -12.04
N VAL B 233 0.62 -6.41 -11.99
CA VAL B 233 -0.14 -6.45 -10.75
C VAL B 233 -0.12 -7.88 -10.21
N LEU B 234 -0.04 -8.86 -11.09
CA LEU B 234 0.03 -10.27 -10.68
C LEU B 234 1.41 -10.55 -10.08
N LEU B 235 2.45 -10.03 -10.71
CA LEU B 235 3.83 -10.19 -10.24
C LEU B 235 3.93 -9.70 -8.80
N TRP B 236 3.34 -8.53 -8.57
CA TRP B 236 3.31 -7.92 -7.26
C TRP B 236 2.60 -8.86 -6.27
N GLU B 237 1.53 -9.53 -6.71
CA GLU B 237 0.78 -10.46 -5.88
C GLU B 237 1.68 -11.63 -5.51
N ILE B 238 2.59 -11.97 -6.41
CA ILE B 238 3.50 -13.09 -6.16
C ILE B 238 4.54 -12.68 -5.13
N PHE B 239 5.09 -11.48 -5.27
CA PHE B 239 6.11 -11.03 -4.34
C PHE B 239 5.60 -10.51 -3.00
N THR B 240 4.28 -10.48 -2.83
CA THR B 240 3.66 -10.08 -1.57
C THR B 240 2.90 -11.31 -1.04
N LEU B 241 3.18 -12.46 -1.63
CA LEU B 241 2.59 -13.73 -1.25
C LEU B 241 1.08 -13.72 -1.02
N GLY B 242 0.34 -13.28 -2.03
CA GLY B 242 -1.11 -13.22 -1.93
C GLY B 242 -1.63 -11.88 -1.44
N GLY B 243 -0.77 -10.88 -1.45
CA GLY B 243 -1.16 -9.56 -1.00
C GLY B 243 -2.31 -8.98 -1.80
N SER B 244 -3.10 -8.13 -1.15
CA SER B 244 -4.23 -7.46 -1.77
C SER B 244 -3.81 -6.08 -2.25
N PRO B 245 -3.91 -5.82 -3.57
CA PRO B 245 -3.51 -4.53 -4.13
C PRO B 245 -4.47 -3.41 -3.73
N TYR B 246 -3.92 -2.24 -3.40
CA TYR B 246 -4.70 -1.07 -3.00
C TYR B 246 -5.80 -1.33 -1.96
N PRO B 247 -5.43 -1.91 -0.80
CA PRO B 247 -6.42 -2.20 0.23
C PRO B 247 -7.03 -0.93 0.78
N GLY B 248 -8.37 -0.93 0.87
CA GLY B 248 -9.10 0.23 1.37
C GLY B 248 -9.35 1.29 0.32
N VAL B 249 -8.83 1.10 -0.89
CA VAL B 249 -8.99 2.07 -1.96
C VAL B 249 -10.18 1.78 -2.86
N PRO B 250 -11.22 2.61 -2.77
CA PRO B 250 -12.39 2.38 -3.62
C PRO B 250 -12.16 2.84 -5.06
N VAL B 251 -13.04 2.39 -5.94
CA VAL B 251 -12.98 2.68 -7.37
C VAL B 251 -12.66 4.13 -7.72
N GLU B 252 -13.44 5.06 -7.19
CA GLU B 252 -13.24 6.47 -7.48
C GLU B 252 -11.82 6.89 -7.15
N GLU B 253 -11.32 6.40 -6.01
CA GLU B 253 -9.97 6.72 -5.54
C GLU B 253 -8.92 6.08 -6.43
N LEU B 254 -9.19 4.89 -6.91
CA LEU B 254 -8.26 4.16 -7.79
C LEU B 254 -8.03 4.93 -9.08
N PHE B 255 -9.13 5.38 -9.68
CA PHE B 255 -9.05 6.13 -10.93
C PHE B 255 -8.20 7.39 -10.72
N LYS B 256 -8.28 7.96 -9.52
CA LYS B 256 -7.52 9.16 -9.23
C LYS B 256 -6.03 8.87 -9.11
N LEU B 257 -5.67 7.77 -8.43
CA LEU B 257 -4.25 7.39 -8.29
C LEU B 257 -3.69 7.08 -9.67
N LEU B 258 -4.51 6.45 -10.50
CA LEU B 258 -4.13 6.09 -11.85
C LEU B 258 -3.84 7.35 -12.64
N LYS B 259 -4.75 8.33 -12.59
CA LYS B 259 -4.56 9.58 -13.30
C LYS B 259 -3.36 10.34 -12.77
N GLU B 260 -3.08 10.23 -11.48
CA GLU B 260 -1.94 10.92 -10.90
C GLU B 260 -0.62 10.19 -11.15
N GLY B 261 -0.65 9.12 -11.93
CA GLY B 261 0.57 8.40 -12.23
C GLY B 261 1.18 7.60 -11.09
N HIS B 262 0.39 7.40 -10.02
CA HIS B 262 0.84 6.64 -8.85
C HIS B 262 1.00 5.18 -9.20
N ARG B 263 2.03 4.57 -8.64
CA ARG B 263 2.31 3.16 -8.86
C ARG B 263 2.64 2.54 -7.50
N MET B 264 2.10 1.34 -7.24
CA MET B 264 2.34 0.65 -5.98
C MET B 264 3.83 0.63 -5.62
N ASP B 265 4.10 0.60 -4.31
CA ASP B 265 5.47 0.58 -3.80
C ASP B 265 6.10 -0.79 -4.09
N LYS B 266 7.43 -0.80 -4.13
CA LYS B 266 8.18 -2.03 -4.39
C LYS B 266 8.05 -2.93 -3.16
N PRO B 267 7.54 -4.16 -3.34
CA PRO B 267 7.39 -5.09 -2.21
C PRO B 267 8.72 -5.46 -1.58
N SER B 268 8.65 -5.85 -0.31
CA SER B 268 9.81 -6.29 0.45
C SER B 268 10.06 -7.71 -0.06
N ASN B 269 11.32 -8.06 -0.29
CA ASN B 269 11.69 -9.36 -0.83
C ASN B 269 11.23 -9.35 -2.29
N CYS B 270 12.02 -8.67 -3.11
CA CYS B 270 11.77 -8.49 -4.53
C CYS B 270 12.84 -7.53 -5.05
N THR B 271 13.74 -8.03 -5.88
CA THR B 271 14.82 -7.22 -6.44
C THR B 271 14.32 -5.95 -7.11
N ASN B 272 15.21 -4.99 -7.29
CA ASN B 272 14.84 -3.74 -7.94
C ASN B 272 14.63 -4.07 -9.41
N GLU B 273 15.20 -5.19 -9.84
CA GLU B 273 15.08 -5.66 -11.20
C GLU B 273 13.65 -6.14 -11.46
N LEU B 274 13.16 -7.02 -10.58
CA LEU B 274 11.80 -7.53 -10.70
C LEU B 274 10.80 -6.41 -10.53
N TYR B 275 11.19 -5.39 -9.78
CA TYR B 275 10.32 -4.25 -9.55
C TYR B 275 10.31 -3.33 -10.76
N MET B 276 11.38 -3.35 -11.54
CA MET B 276 11.42 -2.51 -12.74
C MET B 276 10.45 -3.15 -13.72
N MET B 277 10.44 -4.48 -13.73
CA MET B 277 9.58 -5.27 -14.58
C MET B 277 8.11 -4.95 -14.27
N MET B 278 7.78 -4.79 -13.00
CA MET B 278 6.41 -4.45 -12.61
C MET B 278 6.11 -3.07 -13.12
N ARG B 279 7.02 -2.12 -12.86
CA ARG B 279 6.84 -0.74 -13.31
C ARG B 279 6.79 -0.68 -14.84
N ASP B 280 7.59 -1.53 -15.47
CA ASP B 280 7.68 -1.65 -16.91
C ASP B 280 6.27 -1.94 -17.43
N CYS B 281 5.66 -2.99 -16.87
CA CYS B 281 4.30 -3.42 -17.21
C CYS B 281 3.27 -2.36 -16.88
N TRP B 282 3.62 -1.46 -15.97
CA TRP B 282 2.72 -0.37 -15.58
C TRP B 282 3.05 0.96 -16.25
N HIS B 283 3.70 0.91 -17.41
CA HIS B 283 4.06 2.10 -18.14
C HIS B 283 2.79 2.61 -18.82
N ALA B 284 2.50 3.89 -18.66
CA ALA B 284 1.32 4.54 -19.23
C ALA B 284 1.09 4.24 -20.71
N VAL B 285 2.18 4.32 -21.47
CA VAL B 285 2.23 4.06 -22.92
C VAL B 285 2.35 2.56 -23.19
N PRO B 286 1.24 1.94 -23.61
CA PRO B 286 1.12 0.51 -23.91
C PRO B 286 2.19 -0.05 -24.83
N SER B 287 2.70 0.77 -25.74
CA SER B 287 3.74 0.33 -26.66
C SER B 287 5.08 0.21 -25.94
N GLN B 288 5.23 1.00 -24.88
CA GLN B 288 6.46 1.02 -24.09
C GLN B 288 6.56 -0.15 -23.12
N ARG B 289 5.43 -0.76 -22.76
CA ARG B 289 5.44 -1.91 -21.84
C ARG B 289 6.03 -3.11 -22.58
N PRO B 290 6.69 -4.02 -21.85
CA PRO B 290 7.29 -5.17 -22.53
C PRO B 290 6.22 -6.17 -23.00
N THR B 291 6.59 -6.99 -23.97
CA THR B 291 5.67 -8.00 -24.48
C THR B 291 5.85 -9.28 -23.68
N PHE B 292 4.86 -10.16 -23.72
CA PHE B 292 4.93 -11.42 -23.01
C PHE B 292 6.08 -12.28 -23.45
N LYS B 293 6.52 -12.09 -24.70
CA LYS B 293 7.64 -12.82 -25.24
C LYS B 293 8.92 -12.33 -24.56
N GLN B 294 9.03 -11.01 -24.39
CA GLN B 294 10.21 -10.42 -23.73
C GLN B 294 10.23 -10.82 -22.28
N LEU B 295 9.07 -10.70 -21.64
CA LEU B 295 8.90 -11.05 -20.23
C LEU B 295 9.30 -12.49 -20.03
N VAL B 296 8.90 -13.37 -20.94
CA VAL B 296 9.24 -14.79 -20.83
C VAL B 296 10.75 -14.93 -20.92
N GLU B 297 11.36 -14.07 -21.73
CA GLU B 297 12.82 -14.10 -21.91
C GLU B 297 13.54 -13.60 -20.65
N ASP B 298 13.19 -12.41 -20.18
CA ASP B 298 13.81 -11.85 -18.99
C ASP B 298 13.68 -12.78 -17.81
N LEU B 299 12.46 -13.27 -17.58
CA LEU B 299 12.17 -14.17 -16.47
C LEU B 299 12.87 -15.50 -16.63
N ASP B 300 13.16 -15.88 -17.87
CA ASP B 300 13.85 -17.15 -18.12
C ASP B 300 15.20 -16.98 -17.46
N ARG B 301 15.90 -15.95 -17.90
CA ARG B 301 17.21 -15.55 -17.42
C ARG B 301 17.25 -15.38 -15.89
N ILE B 302 16.36 -14.53 -15.37
CA ILE B 302 16.29 -14.26 -13.94
C ILE B 302 16.12 -15.54 -13.10
N VAL B 303 15.27 -16.48 -13.54
CA VAL B 303 15.07 -17.71 -12.80
C VAL B 303 16.42 -18.43 -12.67
N ALA B 304 17.23 -18.34 -13.71
CA ALA B 304 18.54 -18.96 -13.74
C ALA B 304 19.53 -18.23 -12.84
N LEU B 305 19.39 -16.92 -12.77
CA LEU B 305 20.27 -16.09 -11.95
C LEU B 305 19.60 -15.81 -10.61
N THR B 306 19.04 -16.88 -10.02
CA THR B 306 18.36 -16.83 -8.73
C THR B 306 18.71 -18.11 -7.98
C1 PD1 C . 11.08 28.26 2.60
C2 PD1 C . 10.73 26.82 2.26
C3 PD1 C . 12.25 25.61 -0.10
C4 PD1 C . 12.17 24.92 1.27
C5 PD1 C . 12.51 25.63 3.72
C6 PD1 C . 11.47 25.75 4.81
C7 PD1 C . 12.12 25.88 6.17
C8 PD1 C . 11.06 26.09 7.26
C9 PD1 C . 11.09 26.62 9.80
C10 PD1 C . 11.34 26.73 12.08
C11 PD1 C . 9.95 26.72 12.21
C12 PD1 C . 9.15 26.66 11.05
C13 PD1 C . 9.31 26.73 13.47
C14 PD1 C . 7.93 26.68 13.55
C15 PD1 C . 7.22 26.62 12.36
C16 PD1 C . 7.34 26.66 14.80
C17 PD1 C . 7.36 25.48 15.55
C18 PD1 C . 6.78 25.45 16.80
C19 PD1 C . 6.17 26.55 17.34
C20 PD1 C . 6.15 27.71 16.60
C21 PD1 C . 6.73 27.79 15.33
C22 PD1 C . 6.99 24.21 18.97
C23 PD1 C . 5.43 29.08 18.58
C24 PD1 C . 4.90 26.44 11.41
C25 PD1 C . 4.46 26.57 8.97
C26 PD1 C . 3.88 25.20 8.81
C27 PD1 C . 3.33 27.59 9.10
C28 PD1 C . 5.30 26.89 7.77
N1 PD1 C . 11.97 25.96 2.34
N2 PD1 C . 11.67 26.55 8.50
N3 PD1 C . 11.92 26.68 10.83
N4 PD1 C . 9.76 26.60 9.88
N5 PD1 C . 7.82 26.61 11.18
N6 PD1 C . 5.80 26.56 12.38
N7 PD1 C . 5.32 26.61 10.15
O1 PD1 C . 6.83 24.26 17.53
O2 PD1 C . 5.57 28.85 17.15
O3 PD1 C . 3.71 26.23 11.68
C1 PD1 D . -6.74 -24.51 -2.04
C2 PD1 D . -7.43 -25.77 -1.54
C3 PD1 D . -11.01 -25.05 -2.15
C4 PD1 D . -9.99 -25.98 -1.50
C5 PD1 D . -8.65 -26.86 -3.49
C6 PD1 D . -9.49 -26.37 -4.62
C7 PD1 D . -9.19 -27.09 -5.90
C8 PD1 D . -9.72 -26.27 -7.05
C9 PD1 D . -10.03 -26.66 -9.59
C10 PD1 D . -9.62 -26.84 -11.83
C11 PD1 D . -10.59 -25.87 -12.07
C12 PD1 D . -11.30 -25.30 -10.97
C13 PD1 D . -10.89 -25.45 -13.36
C14 PD1 D . -11.87 -24.50 -13.55
C15 PD1 D . -12.53 -23.98 -12.42
C16 PD1 D . -12.12 -24.14 -14.86
C17 PD1 D . -11.18 -23.37 -15.56
C18 PD1 D . -11.43 -23.02 -16.87
C19 PD1 D . -12.58 -23.43 -17.52
C20 PD1 D . -13.50 -24.19 -16.82
C21 PD1 D . -13.29 -24.55 -15.50
C22 PD1 D . -10.70 -21.72 -18.89
C23 PD1 D . -14.78 -24.63 -18.91
C24 PD1 D . -14.25 -22.30 -11.67
C25 PD1 D . -14.84 -21.92 -9.31
C26 PD1 D . -14.32 -20.53 -9.21
C27 PD1 D . -16.35 -21.89 -9.56
C28 PD1 D . -14.58 -22.62 -8.00
N1 PD1 D . -8.70 -25.97 -2.30
N2 PD1 D . -9.74 -27.06 -8.26
N3 PD1 D . -9.34 -27.23 -10.55
N4 PD1 D . -10.97 -25.73 -9.75
N5 PD1 D . -12.23 -24.38 -11.19
N6 PD1 D . -13.54 -22.99 -12.57
N7 PD1 D . -14.16 -22.63 -10.38
O1 PD1 D . -10.48 -22.27 -17.56
O2 PD1 D . -14.64 -24.62 -17.47
O3 PD1 D . -14.95 -21.34 -12.04
#